data_7NLR
#
_entry.id   7NLR
#
_cell.length_a   173.819
_cell.length_b   173.819
_cell.length_c   72.432
_cell.angle_alpha   90.000
_cell.angle_beta   90.000
_cell.angle_gamma   120.000
#
_symmetry.space_group_name_H-M   'H 3 2'
#
loop_
_entity.id
_entity.type
_entity.pdbx_description
1 polymer 'Acetylglutamate kinase'
2 non-polymer 'SULFATE ION'
3 non-polymer 2-phenyl-1H-imidazole
4 water water
#
_entity_poly.entity_id   1
_entity_poly.type   'polypeptide(L)'
_entity_poly.pdbx_seq_one_letter_code
;GSMVSRIEALPTHIKAQVLAEALPWLKQLHGKVVVVKYGGNAMTDDTLRRAFAADMAFLRNCGIHPVVVHGGGPQITAML
RRLGIEGDFKGGFRVTTPEVLDVARMVLFGQVGRELVNLINAHGPYAVGITGEDAQLFTAVRRSVTVDGVATDIGLVGDV
DQVNTAAMLDLVAAGRIPVVSTLAPDADGVVHNINADTAAAAVAEALGAEKLLMLTDIDGLYTRWPDRDSLVSEIDTGTL
AQLLPTLESGMVPKVEACLRAVIGGVPSAHIIDGRVTHCVLVELFTDAGTGTKVVRG
;
_entity_poly.pdbx_strand_id   A
#
loop_
_chem_comp.id
_chem_comp.type
_chem_comp.name
_chem_comp.formula
PIY non-polymer 2-phenyl-1H-imidazole 'C9 H8 N2'
SO4 non-polymer 'SULFATE ION' 'O4 S -2'
#
# COMPACT_ATOMS: atom_id res chain seq x y z
N ILE A 7 -14.66 13.50 23.70
CA ILE A 7 -14.46 12.08 24.01
C ILE A 7 -14.35 11.87 25.52
N GLU A 8 -14.61 12.93 26.29
CA GLU A 8 -14.52 12.85 27.74
C GLU A 8 -15.87 12.58 28.39
N ALA A 9 -16.97 12.96 27.73
CA ALA A 9 -18.32 12.70 28.25
C ALA A 9 -18.73 11.22 28.10
N LEU A 10 -17.82 10.33 27.65
CA LEU A 10 -18.13 8.92 27.47
C LEU A 10 -17.60 8.11 28.65
N PRO A 11 -18.45 7.28 29.27
CA PRO A 11 -18.07 6.60 30.52
C PRO A 11 -16.77 5.81 30.39
N THR A 12 -16.08 5.69 31.53
CA THR A 12 -14.79 5.03 31.55
C THR A 12 -14.92 3.52 31.36
N HIS A 13 -16.04 2.92 31.75
CA HIS A 13 -16.17 1.48 31.63
C HIS A 13 -16.47 1.04 30.20
N ILE A 14 -16.90 1.95 29.34
CA ILE A 14 -16.98 1.64 27.91
C ILE A 14 -15.63 1.88 27.23
N LYS A 15 -14.89 2.91 27.67
CA LYS A 15 -13.51 3.08 27.26
C LYS A 15 -12.73 1.79 27.50
N ALA A 16 -12.91 1.19 28.68
CA ALA A 16 -12.24 -0.06 29.00
C ALA A 16 -12.58 -1.15 27.99
N GLN A 17 -13.87 -1.39 27.75
CA GLN A 17 -14.26 -2.50 26.89
C GLN A 17 -13.69 -2.34 25.48
N VAL A 18 -13.62 -1.11 24.98
CA VAL A 18 -13.08 -0.89 23.64
C VAL A 18 -11.61 -1.33 23.58
N LEU A 19 -10.83 -0.94 24.58
CA LEU A 19 -9.44 -1.37 24.67
C LEU A 19 -9.34 -2.88 24.87
N ALA A 20 -10.19 -3.45 25.72
CA ALA A 20 -10.09 -4.88 25.99
C ALA A 20 -10.39 -5.70 24.74
N GLU A 21 -11.35 -5.26 23.91
CA GLU A 21 -11.68 -5.98 22.69
C GLU A 21 -10.57 -5.92 21.65
N ALA A 22 -9.52 -5.13 21.87
CA ALA A 22 -8.40 -5.21 20.95
C ALA A 22 -7.50 -6.40 21.22
N LEU A 23 -7.64 -7.06 22.38
CA LEU A 23 -6.68 -8.09 22.78
C LEU A 23 -6.50 -9.19 21.74
N PRO A 24 -7.55 -9.81 21.19
CA PRO A 24 -7.31 -10.91 20.23
C PRO A 24 -6.49 -10.46 19.04
N TRP A 25 -6.68 -9.22 18.60
CA TRP A 25 -5.94 -8.75 17.46
C TRP A 25 -4.51 -8.34 17.83
N LEU A 26 -4.27 -7.89 19.07
CA LEU A 26 -2.89 -7.71 19.51
C LEU A 26 -2.13 -9.02 19.52
N LYS A 27 -2.77 -10.12 19.98
CA LYS A 27 -2.09 -11.41 19.99
C LYS A 27 -1.83 -11.91 18.58
N GLN A 28 -2.80 -11.73 17.69
CA GLN A 28 -2.64 -12.20 16.32
C GLN A 28 -1.46 -11.51 15.64
N LEU A 29 -1.25 -10.22 15.91
CA LEU A 29 -0.26 -9.44 15.17
C LEU A 29 1.07 -9.25 15.90
N HIS A 30 1.16 -9.53 17.20
CA HIS A 30 2.41 -9.30 17.91
C HIS A 30 3.57 -10.05 17.26
N GLY A 31 4.63 -9.31 16.91
CA GLY A 31 5.81 -9.89 16.30
C GLY A 31 5.68 -10.18 14.81
N LYS A 32 4.59 -9.75 14.17
CA LYS A 32 4.31 -10.07 12.78
C LYS A 32 4.48 -8.85 11.89
N VAL A 33 4.73 -9.11 10.61
CA VAL A 33 4.82 -8.05 9.61
C VAL A 33 3.42 -7.69 9.11
N VAL A 34 3.14 -6.39 8.98
CA VAL A 34 1.93 -5.88 8.31
C VAL A 34 2.38 -4.90 7.23
N VAL A 35 2.01 -5.16 6.00
CA VAL A 35 2.33 -4.24 4.90
C VAL A 35 1.11 -3.38 4.63
N VAL A 36 1.33 -2.07 4.55
CA VAL A 36 0.26 -1.09 4.42
C VAL A 36 0.54 -0.28 3.16
N LYS A 37 -0.33 -0.44 2.15
CA LYS A 37 -0.32 0.44 0.98
C LYS A 37 -1.04 1.73 1.35
N TYR A 38 -0.33 2.83 1.23
CA TYR A 38 -0.78 4.14 1.66
C TYR A 38 -0.89 5.02 0.43
N GLY A 39 -2.09 5.56 0.19
CA GLY A 39 -2.30 6.44 -0.95
C GLY A 39 -3.66 7.09 -0.88
N GLY A 40 -4.03 7.80 -1.95
CA GLY A 40 -5.33 8.46 -1.98
C GLY A 40 -5.46 9.57 -0.94
N ASN A 41 -6.71 9.74 -0.46
CA ASN A 41 -7.02 10.85 0.45
C ASN A 41 -6.28 10.76 1.78
N ALA A 42 -5.90 9.55 2.21
CA ALA A 42 -5.27 9.35 3.51
C ALA A 42 -3.88 9.97 3.52
N MET A 43 -3.47 10.54 2.39
CA MET A 43 -2.16 11.15 2.23
C MET A 43 -2.23 12.60 1.78
N THR A 44 -3.38 13.06 1.27
CA THR A 44 -3.50 14.47 0.90
C THR A 44 -4.03 15.34 2.03
N ASP A 45 -4.95 14.83 2.85
CA ASP A 45 -5.46 15.64 3.94
C ASP A 45 -4.55 15.51 5.14
N ASP A 46 -4.30 16.65 5.78
CA ASP A 46 -3.27 16.73 6.81
C ASP A 46 -3.67 15.99 8.07
N THR A 47 -4.97 15.99 8.43
CA THR A 47 -5.39 15.28 9.62
C THR A 47 -5.33 13.77 9.43
N LEU A 48 -5.81 13.25 8.29
CA LEU A 48 -5.70 11.82 8.01
C LEU A 48 -4.24 11.38 7.94
N ARG A 49 -3.40 12.18 7.26
CA ARG A 49 -1.95 11.99 7.24
C ARG A 49 -1.41 11.77 8.64
N ARG A 50 -1.67 12.71 9.54
CA ARG A 50 -1.05 12.64 10.86
C ARG A 50 -1.59 11.45 11.64
N ALA A 51 -2.88 11.14 11.47
CA ALA A 51 -3.42 9.94 12.09
C ALA A 51 -2.77 8.69 11.53
N PHE A 52 -2.53 8.65 10.22
CA PHE A 52 -1.87 7.47 9.65
C PHE A 52 -0.49 7.27 10.26
N ALA A 53 0.28 8.36 10.42
CA ALA A 53 1.62 8.26 11.00
C ALA A 53 1.55 7.82 12.45
N ALA A 54 0.61 8.39 13.22
CA ALA A 54 0.38 7.94 14.58
C ALA A 54 0.10 6.45 14.64
N ASP A 55 -0.68 5.94 13.69
CA ASP A 55 -1.05 4.53 13.69
C ASP A 55 0.13 3.62 13.38
N MET A 56 1.03 4.03 12.49
CA MET A 56 2.28 3.30 12.32
C MET A 56 3.10 3.28 13.61
N ALA A 57 3.16 4.42 14.32
CA ALA A 57 3.81 4.44 15.63
C ALA A 57 3.11 3.51 16.62
N PHE A 58 1.78 3.55 16.63
CA PHE A 58 0.99 2.60 17.43
C PHE A 58 1.45 1.16 17.21
N LEU A 59 1.45 0.70 15.95
CA LEU A 59 1.84 -0.68 15.67
C LEU A 59 3.23 -0.97 16.22
N ARG A 60 4.16 -0.05 15.96
CA ARG A 60 5.54 -0.24 16.41
C ARG A 60 5.64 -0.30 17.94
N ASN A 61 4.80 0.47 18.64
CA ASN A 61 4.85 0.43 20.10
C ASN A 61 3.98 -0.67 20.67
N CYS A 62 3.49 -1.57 19.82
CA CYS A 62 2.88 -2.83 20.24
C CYS A 62 3.74 -4.03 19.89
N GLY A 63 4.96 -3.81 19.38
CA GLY A 63 5.79 -4.91 18.91
C GLY A 63 5.36 -5.50 17.59
N ILE A 64 4.47 -4.81 16.87
CA ILE A 64 4.07 -5.16 15.51
C ILE A 64 5.08 -4.55 14.54
N HIS A 65 5.23 -5.15 13.34
CA HIS A 65 6.22 -4.68 12.38
C HIS A 65 5.60 -4.09 11.12
N PRO A 66 5.18 -2.83 11.11
CA PRO A 66 4.56 -2.27 9.90
C PRO A 66 5.59 -2.01 8.81
N VAL A 67 5.16 -2.18 7.57
CA VAL A 67 5.95 -1.81 6.40
C VAL A 67 5.05 -0.97 5.51
N VAL A 68 5.48 0.24 5.20
CA VAL A 68 4.65 1.18 4.44
C VAL A 68 5.11 1.22 3.00
N VAL A 69 4.19 0.98 2.07
CA VAL A 69 4.41 1.19 0.64
C VAL A 69 3.50 2.32 0.20
N HIS A 70 4.08 3.31 -0.50
CA HIS A 70 3.32 4.48 -0.96
C HIS A 70 3.44 4.67 -2.46
N GLY A 71 2.39 5.25 -3.05
CA GLY A 71 2.46 5.77 -4.40
C GLY A 71 2.51 7.28 -4.42
N GLY A 72 1.94 7.89 -5.44
CA GLY A 72 2.02 9.32 -5.64
C GLY A 72 1.90 9.72 -7.11
N GLY A 73 1.00 9.03 -7.82
CA GLY A 73 0.72 9.34 -9.20
C GLY A 73 0.46 10.81 -9.49
N PRO A 74 -0.49 11.43 -8.78
CA PRO A 74 -0.82 12.83 -9.08
C PRO A 74 0.32 13.79 -8.86
N GLN A 75 1.17 13.56 -7.85
CA GLN A 75 2.28 14.47 -7.59
C GLN A 75 3.33 14.39 -8.66
N ILE A 76 3.54 13.21 -9.24
CA ILE A 76 4.42 13.07 -10.40
C ILE A 76 3.88 13.91 -11.55
N THR A 77 2.60 13.75 -11.85
CA THR A 77 1.97 14.52 -12.92
C THR A 77 2.16 16.01 -12.70
N ALA A 78 1.87 16.50 -11.49
CA ALA A 78 2.02 17.92 -11.22
C ALA A 78 3.47 18.37 -11.44
N MET A 79 4.44 17.57 -11.01
CA MET A 79 5.84 17.99 -11.17
C MET A 79 6.22 18.03 -12.64
N LEU A 80 5.75 17.06 -13.43
CA LEU A 80 6.05 17.05 -14.86
C LEU A 80 5.47 18.27 -15.56
N ARG A 81 4.25 18.67 -15.20
CA ARG A 81 3.69 19.89 -15.77
C ARG A 81 4.52 21.11 -15.38
N ARG A 82 4.97 21.17 -14.11
CA ARG A 82 5.76 22.33 -13.68
C ARG A 82 7.09 22.41 -14.43
N LEU A 83 7.73 21.28 -14.68
CA LEU A 83 8.95 21.24 -15.48
C LEU A 83 8.68 21.37 -16.98
N GLY A 84 7.42 21.45 -17.39
CA GLY A 84 7.10 21.58 -18.80
C GLY A 84 7.53 20.40 -19.64
N ILE A 85 7.59 19.21 -19.04
CA ILE A 85 7.98 17.99 -19.74
C ILE A 85 6.74 17.42 -20.43
N GLU A 86 6.75 17.41 -21.76
CA GLU A 86 5.60 16.98 -22.54
C GLU A 86 5.49 15.46 -22.51
N GLY A 87 4.25 14.98 -22.28
CA GLY A 87 4.02 13.56 -22.17
C GLY A 87 3.68 12.94 -23.51
N ASP A 88 4.09 11.68 -23.65
CA ASP A 88 3.61 10.81 -24.72
C ASP A 88 2.71 9.76 -24.08
N PHE A 89 1.58 9.50 -24.72
CA PHE A 89 0.55 8.65 -24.16
C PHE A 89 0.18 7.56 -25.14
N LYS A 90 0.28 6.31 -24.68
CA LYS A 90 -0.21 5.15 -25.41
C LYS A 90 -1.37 4.58 -24.61
N GLY A 91 -2.53 4.48 -25.24
CA GLY A 91 -3.74 4.27 -24.46
C GLY A 91 -3.91 5.44 -23.52
N GLY A 92 -4.18 5.14 -22.25
CA GLY A 92 -4.21 6.18 -21.26
C GLY A 92 -2.97 6.18 -20.39
N PHE A 93 -1.90 5.59 -20.92
CA PHE A 93 -0.64 5.44 -20.19
C PHE A 93 0.38 6.44 -20.70
N ARG A 94 0.91 7.26 -19.79
CA ARG A 94 2.12 8.03 -20.06
C ARG A 94 3.30 7.10 -20.30
N VAL A 95 4.07 7.36 -21.36
CA VAL A 95 5.31 6.61 -21.57
C VAL A 95 6.36 7.09 -20.57
N THR A 96 7.05 6.15 -19.92
CA THR A 96 8.06 6.53 -18.92
C THR A 96 9.43 6.49 -19.59
N THR A 97 9.80 7.62 -20.21
CA THR A 97 11.13 7.88 -20.73
C THR A 97 12.15 7.95 -19.59
N PRO A 98 13.45 7.90 -19.88
CA PRO A 98 14.44 8.13 -18.80
C PRO A 98 14.21 9.43 -18.07
N GLU A 99 13.80 10.48 -18.79
CA GLU A 99 13.52 11.76 -18.17
C GLU A 99 12.35 11.67 -17.20
N VAL A 100 11.27 10.99 -17.60
CA VAL A 100 10.10 10.86 -16.73
C VAL A 100 10.43 10.02 -15.52
N LEU A 101 11.24 8.97 -15.70
CA LEU A 101 11.64 8.16 -14.54
C LEU A 101 12.39 8.99 -13.52
N ASP A 102 13.35 9.81 -13.97
CA ASP A 102 14.09 10.65 -13.03
C ASP A 102 13.14 11.51 -12.20
N VAL A 103 12.14 12.12 -12.85
CA VAL A 103 11.18 12.96 -12.13
C VAL A 103 10.38 12.12 -11.15
N ALA A 104 9.89 10.97 -11.61
CA ALA A 104 9.09 10.10 -10.75
C ALA A 104 9.88 9.70 -9.51
N ARG A 105 11.13 9.27 -9.71
CA ARG A 105 11.96 8.87 -8.60
C ARG A 105 12.22 10.04 -7.65
N MET A 106 12.50 11.20 -8.21
CA MET A 106 12.76 12.36 -7.38
C MET A 106 11.55 12.77 -6.57
N VAL A 107 10.38 12.69 -7.15
CA VAL A 107 9.14 13.07 -6.46
C VAL A 107 8.77 12.03 -5.42
N LEU A 108 8.83 10.74 -5.78
CA LEU A 108 8.39 9.68 -4.90
C LEU A 108 9.33 9.53 -3.71
N PHE A 109 10.63 9.43 -3.98
CA PHE A 109 11.60 9.23 -2.92
C PHE A 109 11.99 10.56 -2.26
N GLY A 110 12.07 11.65 -3.02
CA GLY A 110 12.59 12.88 -2.45
C GLY A 110 11.56 13.84 -1.90
N GLN A 111 10.28 13.54 -2.07
CA GLN A 111 9.26 14.43 -1.56
C GLN A 111 8.16 13.63 -0.86
N VAL A 112 7.50 12.72 -1.56
CA VAL A 112 6.35 12.04 -0.98
C VAL A 112 6.79 11.17 0.20
N GLY A 113 7.83 10.36 0.00
CA GLY A 113 8.35 9.53 1.09
C GLY A 113 8.89 10.35 2.25
N ARG A 114 9.51 11.50 1.97
CA ARG A 114 10.10 12.27 3.06
C ARG A 114 9.02 12.78 3.99
N GLU A 115 7.88 13.20 3.45
CA GLU A 115 6.78 13.68 4.29
C GLU A 115 6.37 12.59 5.26
N LEU A 116 6.24 11.36 4.76
CA LEU A 116 5.75 10.32 5.63
C LEU A 116 6.79 9.95 6.68
N VAL A 117 8.07 9.93 6.28
CA VAL A 117 9.15 9.64 7.22
C VAL A 117 9.17 10.66 8.35
N ASN A 118 9.00 11.94 8.01
CA ASN A 118 9.04 12.97 9.06
C ASN A 118 7.80 12.92 9.93
N LEU A 119 6.63 12.59 9.36
CA LEU A 119 5.42 12.49 10.15
C LEU A 119 5.52 11.35 11.16
N ILE A 120 5.94 10.20 10.70
CA ILE A 120 6.10 9.07 11.57
C ILE A 120 7.16 9.38 12.61
N ASN A 121 8.27 9.94 12.18
CA ASN A 121 9.35 10.24 13.10
C ASN A 121 9.09 11.31 14.11
N ALA A 122 7.89 11.85 14.11
CA ALA A 122 7.51 12.80 15.10
C ALA A 122 7.29 12.04 16.40
N HIS A 123 7.06 10.73 16.29
CA HIS A 123 6.81 9.86 17.41
C HIS A 123 8.01 9.08 17.86
N GLY A 124 9.10 9.15 17.13
CA GLY A 124 10.29 8.42 17.51
C GLY A 124 11.20 8.12 16.34
N PRO A 125 12.40 7.51 16.65
CA PRO A 125 13.26 7.25 15.50
C PRO A 125 12.89 5.97 14.78
N TYR A 126 11.71 5.97 14.20
CA TYR A 126 11.23 4.77 13.55
C TYR A 126 11.36 4.64 12.04
N ALA A 127 10.87 5.62 11.31
CA ALA A 127 10.88 5.55 9.86
C ALA A 127 12.18 5.67 9.12
N VAL A 128 12.30 4.84 8.08
CA VAL A 128 13.52 4.83 7.22
C VAL A 128 13.01 4.71 5.79
N GLY A 129 13.46 5.61 4.92
CA GLY A 129 13.00 5.60 3.52
C GLY A 129 13.87 4.73 2.65
N ILE A 130 13.26 3.90 1.82
CA ILE A 130 14.04 2.95 0.99
C ILE A 130 13.44 2.78 -0.41
N THR A 131 14.28 2.40 -1.37
CA THR A 131 13.79 2.02 -2.70
C THR A 131 14.46 0.67 -2.94
N GLY A 132 14.11 -0.03 -4.01
CA GLY A 132 14.80 -1.29 -4.32
C GLY A 132 16.23 -1.02 -4.65
N GLU A 133 16.53 0.25 -4.98
CA GLU A 133 17.93 0.58 -5.22
C GLU A 133 18.79 0.39 -3.97
N ASP A 134 18.25 0.69 -2.79
CA ASP A 134 19.07 0.73 -1.59
C ASP A 134 19.39 -0.69 -1.17
N ALA A 135 20.70 -0.98 -1.05
CA ALA A 135 21.17 -2.31 -0.64
C ALA A 135 20.59 -3.41 -1.51
N GLN A 136 20.18 -3.08 -2.74
CA GLN A 136 19.60 -4.04 -3.68
C GLN A 136 18.44 -4.79 -3.04
N LEU A 137 17.57 -4.04 -2.34
CA LEU A 137 16.55 -4.69 -1.52
C LEU A 137 15.49 -5.37 -2.38
N PHE A 138 15.25 -4.87 -3.59
CA PHE A 138 14.43 -5.61 -4.54
C PHE A 138 14.71 -5.10 -5.93
N THR A 139 14.39 -5.94 -6.90
CA THR A 139 14.61 -5.64 -8.30
C THR A 139 13.28 -5.53 -9.03
N ALA A 140 13.36 -5.03 -10.26
CA ALA A 140 12.20 -4.93 -11.11
C ALA A 140 12.43 -5.70 -12.40
N VAL A 141 11.33 -6.05 -13.05
CA VAL A 141 11.38 -6.59 -14.40
C VAL A 141 10.46 -5.73 -15.25
N ARG A 142 10.94 -5.33 -16.43
CA ARG A 142 10.20 -4.36 -17.21
C ARG A 142 8.89 -4.99 -17.68
N ARG A 143 7.84 -4.20 -17.65
CA ARG A 143 6.49 -4.68 -17.89
C ARG A 143 5.86 -3.93 -19.05
N SER A 144 5.14 -4.65 -19.90
CA SER A 144 4.36 -4.05 -20.96
C SER A 144 2.88 -4.01 -20.56
N VAL A 145 2.10 -3.17 -21.23
CA VAL A 145 0.65 -3.08 -20.91
C VAL A 145 -0.16 -3.36 -22.17
N THR A 146 -1.41 -3.78 -22.01
CA THR A 146 -2.25 -4.13 -23.18
C THR A 146 -3.16 -2.96 -23.53
N VAL A 147 -2.93 -2.31 -24.67
CA VAL A 147 -3.85 -1.23 -25.12
C VAL A 147 -4.78 -1.83 -26.18
N ASP A 148 -6.10 -1.76 -25.96
CA ASP A 148 -7.09 -2.42 -26.87
C ASP A 148 -6.87 -3.93 -26.80
N GLY A 149 -5.84 -4.43 -27.47
CA GLY A 149 -5.51 -5.87 -27.36
C GLY A 149 -4.08 -6.14 -27.79
N VAL A 150 -3.19 -5.15 -27.65
CA VAL A 150 -1.76 -5.37 -28.00
C VAL A 150 -0.86 -4.94 -26.83
N ALA A 151 0.03 -5.84 -26.40
CA ALA A 151 0.98 -5.50 -25.33
C ALA A 151 1.95 -4.45 -25.86
N THR A 152 2.08 -3.31 -25.18
CA THR A 152 2.93 -2.23 -25.73
C THR A 152 3.97 -1.74 -24.74
N ASP A 153 5.10 -1.26 -25.25
CA ASP A 153 6.18 -0.70 -24.39
C ASP A 153 5.80 0.70 -23.93
N ILE A 154 5.62 0.90 -22.63
CA ILE A 154 5.40 2.24 -22.11
C ILE A 154 6.61 2.67 -21.28
N GLY A 155 7.78 2.19 -21.67
CA GLY A 155 9.01 2.68 -21.09
C GLY A 155 9.42 1.96 -19.80
N LEU A 156 10.01 2.73 -18.88
CA LEU A 156 10.70 2.20 -17.71
C LEU A 156 9.73 2.00 -16.54
N VAL A 157 8.76 1.13 -16.78
CA VAL A 157 7.76 0.73 -15.80
C VAL A 157 7.85 -0.78 -15.66
N GLY A 158 7.75 -1.28 -14.44
CA GLY A 158 7.94 -2.69 -14.22
C GLY A 158 7.10 -3.25 -13.10
N ASP A 159 7.37 -4.51 -12.80
CA ASP A 159 6.76 -5.23 -11.70
C ASP A 159 7.90 -5.63 -10.81
N VAL A 160 7.61 -5.88 -9.54
CA VAL A 160 8.65 -6.30 -8.63
C VAL A 160 9.12 -7.69 -9.05
N ASP A 161 10.42 -7.88 -9.09
CA ASP A 161 10.98 -9.16 -9.45
C ASP A 161 11.37 -9.96 -8.22
N GLN A 162 12.54 -9.72 -7.69
CA GLN A 162 12.97 -10.43 -6.50
C GLN A 162 13.07 -9.50 -5.31
N VAL A 163 12.87 -10.02 -4.13
CA VAL A 163 12.95 -9.24 -2.92
C VAL A 163 13.94 -9.82 -1.95
N ASN A 164 14.82 -8.99 -1.42
CA ASN A 164 15.81 -9.46 -0.45
C ASN A 164 15.08 -9.62 0.88
N THR A 165 14.46 -10.77 1.06
CA THR A 165 13.62 -11.01 2.23
C THR A 165 14.41 -10.93 3.51
N ALA A 166 15.56 -11.61 3.57
CA ALA A 166 16.38 -11.59 4.78
C ALA A 166 16.72 -10.17 5.20
N ALA A 167 17.23 -9.35 4.26
CA ALA A 167 17.67 -8.01 4.61
C ALA A 167 16.51 -7.12 5.00
N MET A 168 15.37 -7.29 4.36
CA MET A 168 14.19 -6.51 4.74
C MET A 168 13.75 -6.84 6.17
N LEU A 169 13.77 -8.12 6.55
CA LEU A 169 13.33 -8.48 7.91
C LEU A 169 14.36 -8.11 8.96
N ASP A 170 15.66 -8.14 8.62
CA ASP A 170 16.65 -7.51 9.49
C ASP A 170 16.26 -6.07 9.80
N LEU A 171 15.83 -5.33 8.78
CA LEU A 171 15.51 -3.91 8.95
C LEU A 171 14.37 -3.72 9.94
N VAL A 172 13.33 -4.55 9.87
CA VAL A 172 12.19 -4.31 10.76
C VAL A 172 12.48 -4.86 12.16
N ALA A 173 13.27 -5.93 12.28
CA ALA A 173 13.58 -6.47 13.60
C ALA A 173 14.42 -5.50 14.41
N ALA A 174 15.14 -4.60 13.73
CA ALA A 174 15.88 -3.52 14.38
C ALA A 174 14.97 -2.42 14.90
N GLY A 175 13.66 -2.50 14.70
CA GLY A 175 12.74 -1.48 15.15
C GLY A 175 12.42 -0.43 14.11
N ARG A 176 12.80 -0.62 12.85
CA ARG A 176 12.59 0.38 11.82
C ARG A 176 11.29 0.13 11.09
N ILE A 177 10.69 1.21 10.63
CA ILE A 177 9.51 1.15 9.85
C ILE A 177 9.91 1.59 8.46
N PRO A 178 10.09 0.57 7.55
CA PRO A 178 10.46 1.02 6.21
C PRO A 178 9.35 1.76 5.50
N VAL A 179 9.70 2.81 4.78
CA VAL A 179 8.75 3.57 4.02
C VAL A 179 9.29 3.38 2.62
N VAL A 180 8.59 2.60 1.84
CA VAL A 180 9.05 2.26 0.53
C VAL A 180 8.52 3.02 -0.66
N SER A 181 9.44 3.56 -1.44
CA SER A 181 9.12 4.25 -2.66
C SER A 181 9.38 3.17 -3.67
N THR A 182 8.41 2.86 -4.50
CA THR A 182 8.52 1.76 -5.44
C THR A 182 9.29 1.89 -6.74
N LEU A 183 10.60 1.99 -6.63
CA LEU A 183 11.43 2.06 -7.80
C LEU A 183 12.50 1.03 -7.56
N ALA A 184 12.98 0.37 -8.59
CA ALA A 184 13.99 -0.64 -8.42
C ALA A 184 14.73 -0.89 -9.68
N PRO A 185 15.97 -1.32 -9.59
CA PRO A 185 16.73 -1.59 -10.79
C PRO A 185 16.30 -2.92 -11.41
N ASP A 186 16.40 -3.02 -12.73
CA ASP A 186 16.23 -4.32 -13.36
C ASP A 186 17.56 -5.06 -13.24
N ALA A 187 17.69 -6.22 -13.88
CA ALA A 187 18.92 -6.99 -13.75
C ALA A 187 20.12 -6.29 -14.38
N ASP A 188 19.92 -5.25 -15.18
CA ASP A 188 21.02 -4.53 -15.78
C ASP A 188 21.34 -3.23 -15.06
N GLY A 189 20.72 -2.98 -13.90
CA GLY A 189 20.93 -1.74 -13.18
C GLY A 189 20.06 -0.58 -13.63
N VAL A 190 19.10 -0.81 -14.50
CA VAL A 190 18.26 0.26 -15.02
C VAL A 190 17.01 0.36 -14.15
N VAL A 191 16.81 1.51 -13.54
CA VAL A 191 15.79 1.69 -12.51
C VAL A 191 14.43 1.87 -13.17
N HIS A 192 13.43 1.14 -12.66
CA HIS A 192 12.07 1.24 -13.18
C HIS A 192 11.13 1.78 -12.10
N ASN A 193 9.99 2.34 -12.53
CA ASN A 193 8.92 2.73 -11.61
C ASN A 193 7.90 1.60 -11.55
N ILE A 194 7.48 1.25 -10.34
CA ILE A 194 6.56 0.14 -10.13
C ILE A 194 5.27 0.65 -9.53
N ASN A 195 4.14 0.20 -10.07
CA ASN A 195 2.84 0.45 -9.47
C ASN A 195 2.86 0.11 -7.98
N ALA A 196 2.44 1.06 -7.15
CA ALA A 196 2.57 0.88 -5.70
C ALA A 196 1.63 -0.20 -5.17
N ASP A 197 0.44 -0.32 -5.74
CA ASP A 197 -0.48 -1.37 -5.35
C ASP A 197 0.14 -2.74 -5.58
N THR A 198 0.66 -2.97 -6.78
CA THR A 198 1.29 -4.25 -7.09
C THR A 198 2.51 -4.48 -6.20
N ALA A 199 3.37 -3.47 -6.06
CA ALA A 199 4.54 -3.63 -5.22
C ALA A 199 4.16 -4.02 -3.80
N ALA A 200 3.08 -3.45 -3.28
CA ALA A 200 2.68 -3.77 -1.91
C ALA A 200 2.34 -5.24 -1.78
N ALA A 201 1.59 -5.78 -2.74
CA ALA A 201 1.27 -7.20 -2.72
C ALA A 201 2.53 -8.05 -2.77
N ALA A 202 3.47 -7.70 -3.65
CA ALA A 202 4.69 -8.50 -3.78
C ALA A 202 5.51 -8.47 -2.49
N VAL A 203 5.61 -7.30 -1.85
CA VAL A 203 6.41 -7.21 -0.62
C VAL A 203 5.75 -8.02 0.49
N ALA A 204 4.42 -7.94 0.61
CA ALA A 204 3.73 -8.69 1.65
C ALA A 204 3.97 -10.20 1.49
N GLU A 205 3.91 -10.69 0.24
CA GLU A 205 4.16 -12.10 0.01
C GLU A 205 5.62 -12.47 0.30
N ALA A 206 6.56 -11.64 -0.13
CA ALA A 206 7.96 -11.97 0.09
C ALA A 206 8.30 -11.95 1.58
N LEU A 207 7.80 -10.98 2.33
CA LEU A 207 8.10 -10.88 3.74
C LEU A 207 7.28 -11.83 4.61
N GLY A 208 6.36 -12.60 4.04
CA GLY A 208 5.53 -13.45 4.87
C GLY A 208 4.61 -12.67 5.78
N ALA A 209 4.06 -11.55 5.29
CA ALA A 209 3.22 -10.69 6.12
C ALA A 209 2.00 -11.44 6.63
N GLU A 210 1.56 -11.06 7.83
CA GLU A 210 0.31 -11.58 8.36
C GLU A 210 -0.91 -10.91 7.72
N LYS A 211 -0.79 -9.63 7.35
CA LYS A 211 -1.88 -8.92 6.68
C LYS A 211 -1.31 -7.95 5.67
N LEU A 212 -2.07 -7.73 4.60
CA LEU A 212 -1.85 -6.62 3.69
C LEU A 212 -3.04 -5.67 3.83
N LEU A 213 -2.78 -4.39 4.09
CA LEU A 213 -3.81 -3.37 4.15
C LEU A 213 -3.68 -2.46 2.92
N MET A 214 -4.80 -2.18 2.24
CA MET A 214 -4.85 -1.34 1.04
C MET A 214 -5.75 -0.15 1.33
N LEU A 215 -5.17 1.01 1.61
CA LEU A 215 -5.97 2.22 1.80
C LEU A 215 -6.47 2.73 0.45
N THR A 216 -7.78 2.90 0.33
CA THR A 216 -8.42 3.47 -0.85
C THR A 216 -9.53 4.42 -0.40
N ASP A 217 -10.08 5.17 -1.34
CA ASP A 217 -11.13 6.13 -1.02
C ASP A 217 -12.52 5.54 -1.33
N ILE A 218 -12.83 4.42 -0.68
CA ILE A 218 -14.11 3.73 -0.84
C ILE A 218 -14.50 3.10 0.49
N ASP A 219 -15.81 2.86 0.67
CA ASP A 219 -16.27 2.16 1.86
C ASP A 219 -15.78 0.72 1.87
N GLY A 220 -15.65 0.14 0.69
CA GLY A 220 -15.32 -1.26 0.55
C GLY A 220 -15.72 -1.73 -0.84
N LEU A 221 -15.58 -3.03 -1.04
CA LEU A 221 -15.83 -3.65 -2.33
C LEU A 221 -17.33 -3.81 -2.56
N TYR A 222 -17.83 -3.24 -3.64
CA TYR A 222 -19.20 -3.43 -4.08
C TYR A 222 -19.21 -4.45 -5.21
N THR A 223 -20.01 -5.51 -5.07
CA THR A 223 -20.04 -6.54 -6.11
C THR A 223 -20.82 -6.06 -7.34
N ARG A 224 -21.87 -5.30 -7.09
CA ARG A 224 -22.70 -4.72 -8.13
C ARG A 224 -22.79 -3.21 -7.95
N TRP A 225 -21.67 -2.52 -8.06
CA TRP A 225 -21.71 -1.06 -7.93
C TRP A 225 -22.61 -0.46 -9.01
N PRO A 226 -23.43 0.53 -8.66
CA PRO A 226 -23.53 1.16 -7.34
C PRO A 226 -24.68 0.73 -6.42
N ASP A 227 -25.18 -0.50 -6.49
CA ASP A 227 -26.18 -0.97 -5.52
C ASP A 227 -25.57 -0.93 -4.11
N ARG A 228 -26.21 -0.15 -3.22
CA ARG A 228 -25.62 0.11 -1.91
C ARG A 228 -25.43 -1.15 -1.10
N ASP A 229 -26.28 -2.16 -1.30
CA ASP A 229 -26.22 -3.39 -0.51
C ASP A 229 -25.63 -4.55 -1.30
N SER A 230 -24.79 -4.24 -2.29
CA SER A 230 -23.86 -5.20 -2.88
C SER A 230 -22.51 -5.18 -2.18
N LEU A 231 -22.38 -4.36 -1.15
CA LEU A 231 -21.12 -4.20 -0.43
C LEU A 231 -20.91 -5.38 0.49
N VAL A 232 -19.79 -6.07 0.32
CA VAL A 232 -19.45 -7.24 1.11
C VAL A 232 -18.35 -6.88 2.09
N SER A 233 -18.28 -7.61 3.21
CA SER A 233 -17.23 -7.38 4.17
C SER A 233 -16.19 -8.50 4.20
N GLU A 234 -16.43 -9.60 3.51
CA GLU A 234 -15.45 -10.68 3.38
C GLU A 234 -15.74 -11.45 2.11
N ILE A 235 -14.68 -11.89 1.43
CA ILE A 235 -14.82 -12.60 0.15
C ILE A 235 -13.60 -13.49 -0.02
N ASP A 236 -13.80 -14.65 -0.63
CA ASP A 236 -12.72 -15.57 -0.94
C ASP A 236 -12.07 -15.19 -2.28
N THR A 237 -10.81 -15.57 -2.44
CA THR A 237 -10.11 -15.26 -3.68
C THR A 237 -10.78 -15.93 -4.86
N GLY A 238 -11.29 -17.14 -4.65
CA GLY A 238 -12.13 -17.77 -5.64
C GLY A 238 -13.26 -16.88 -6.11
N THR A 239 -14.11 -16.35 -5.21
CA THR A 239 -15.22 -15.54 -5.71
C THR A 239 -14.73 -14.19 -6.21
N LEU A 240 -13.64 -13.68 -5.64
CA LEU A 240 -13.17 -12.35 -6.00
C LEU A 240 -12.59 -12.30 -7.41
N ALA A 241 -11.92 -13.36 -7.86
CA ALA A 241 -11.24 -13.31 -9.15
C ALA A 241 -12.24 -13.30 -10.31
N GLN A 242 -13.39 -13.96 -10.13
CA GLN A 242 -14.42 -14.03 -11.16
C GLN A 242 -15.24 -12.75 -11.23
N LEU A 243 -15.11 -11.91 -10.20
CA LEU A 243 -15.73 -10.59 -10.17
C LEU A 243 -14.80 -9.50 -10.69
N LEU A 244 -13.50 -9.78 -10.77
CA LEU A 244 -12.53 -8.78 -11.23
C LEU A 244 -12.90 -8.13 -12.55
N PRO A 245 -13.24 -8.86 -13.63
CA PRO A 245 -13.56 -8.18 -14.90
C PRO A 245 -14.83 -7.33 -14.86
N THR A 246 -15.53 -7.26 -13.72
CA THR A 246 -16.75 -6.47 -13.57
C THR A 246 -16.48 -5.06 -13.07
N LEU A 247 -15.54 -4.91 -12.14
CA LEU A 247 -15.45 -3.75 -11.28
C LEU A 247 -14.88 -2.53 -12.00
N GLU A 248 -14.98 -1.40 -11.30
CA GLU A 248 -14.51 -0.12 -11.78
C GLU A 248 -13.01 -0.18 -12.10
N SER A 249 -12.60 0.71 -13.02
CA SER A 249 -11.21 0.79 -13.45
C SER A 249 -10.24 0.88 -12.28
N GLY A 250 -10.48 1.82 -11.35
CA GLY A 250 -9.54 2.08 -10.27
C GLY A 250 -9.56 1.04 -9.16
N MET A 251 -10.64 0.28 -9.03
CA MET A 251 -10.69 -0.78 -8.04
C MET A 251 -9.93 -2.03 -8.48
N VAL A 252 -9.66 -2.16 -9.78
CA VAL A 252 -8.96 -3.31 -10.34
C VAL A 252 -7.60 -3.48 -9.68
N PRO A 253 -6.69 -2.49 -9.73
CA PRO A 253 -5.34 -2.73 -9.17
C PRO A 253 -5.35 -3.10 -7.69
N LYS A 254 -6.31 -2.58 -6.92
CA LYS A 254 -6.37 -2.92 -5.50
C LYS A 254 -6.88 -4.34 -5.27
N VAL A 255 -7.73 -4.85 -6.17
CA VAL A 255 -8.21 -6.22 -6.07
C VAL A 255 -7.15 -7.21 -6.55
N GLU A 256 -6.51 -6.91 -7.68
CA GLU A 256 -5.43 -7.77 -8.15
C GLU A 256 -4.34 -7.92 -7.10
N ALA A 257 -4.02 -6.83 -6.39
CA ALA A 257 -3.03 -6.92 -5.33
C ALA A 257 -3.49 -7.87 -4.23
N CYS A 258 -4.73 -7.68 -3.76
CA CYS A 258 -5.26 -8.56 -2.73
C CYS A 258 -5.28 -10.02 -3.19
N LEU A 259 -5.67 -10.28 -4.45
CA LEU A 259 -5.67 -11.64 -4.96
C LEU A 259 -4.26 -12.23 -4.92
N ARG A 260 -3.28 -11.48 -5.45
CA ARG A 260 -1.93 -12.03 -5.56
C ARG A 260 -1.29 -12.24 -4.19
N ALA A 261 -1.56 -11.34 -3.24
CA ALA A 261 -1.02 -11.50 -1.90
C ALA A 261 -1.64 -12.69 -1.19
N VAL A 262 -2.97 -12.79 -1.21
CA VAL A 262 -3.64 -13.82 -0.44
C VAL A 262 -3.43 -15.18 -1.08
N ILE A 263 -3.44 -15.24 -2.41
CA ILE A 263 -3.07 -16.50 -3.06
C ILE A 263 -1.61 -16.80 -2.79
N GLY A 264 -0.78 -15.76 -2.63
CA GLY A 264 0.62 -15.99 -2.35
C GLY A 264 0.93 -16.45 -0.95
N GLY A 265 -0.08 -16.61 -0.10
CA GLY A 265 0.12 -17.13 1.25
C GLY A 265 -0.09 -16.11 2.35
N VAL A 266 -0.29 -14.85 2.02
CA VAL A 266 -0.63 -13.85 3.05
C VAL A 266 -2.00 -14.18 3.59
N PRO A 267 -2.15 -14.39 4.91
CA PRO A 267 -3.43 -14.88 5.43
C PRO A 267 -4.63 -14.01 5.09
N SER A 268 -4.54 -12.69 5.21
CA SER A 268 -5.69 -11.91 4.76
C SER A 268 -5.21 -10.57 4.21
N ALA A 269 -5.88 -10.10 3.16
CA ALA A 269 -5.70 -8.75 2.65
C ALA A 269 -7.01 -7.98 2.83
N HIS A 270 -6.87 -6.68 3.03
CA HIS A 270 -8.00 -5.85 3.40
C HIS A 270 -8.00 -4.59 2.54
N ILE A 271 -9.15 -4.28 1.97
CA ILE A 271 -9.38 -3.01 1.30
C ILE A 271 -10.17 -2.15 2.29
N ILE A 272 -9.56 -1.07 2.78
CA ILE A 272 -10.19 -0.27 3.81
C ILE A 272 -10.29 1.18 3.36
N ASP A 273 -11.12 1.93 4.08
CA ASP A 273 -11.52 3.30 3.73
C ASP A 273 -10.47 4.31 4.23
N GLY A 274 -9.63 4.79 3.33
CA GLY A 274 -8.62 5.78 3.68
C GLY A 274 -9.19 7.13 4.10
N ARG A 275 -10.47 7.40 3.84
CA ARG A 275 -11.05 8.66 4.26
C ARG A 275 -11.44 8.68 5.72
N VAL A 276 -11.36 7.54 6.40
CA VAL A 276 -11.70 7.42 7.81
C VAL A 276 -10.43 7.65 8.63
N THR A 277 -10.51 8.58 9.57
CA THR A 277 -9.40 8.83 10.49
C THR A 277 -9.07 7.60 11.30
N HIS A 278 -7.77 7.27 11.38
CA HIS A 278 -7.29 6.10 12.10
C HIS A 278 -7.88 4.81 11.54
N CYS A 279 -8.13 4.77 10.22
CA CYS A 279 -8.71 3.57 9.62
C CYS A 279 -7.88 2.33 9.92
N VAL A 280 -6.56 2.46 9.95
CA VAL A 280 -5.71 1.30 10.27
C VAL A 280 -6.05 0.78 11.67
N LEU A 281 -6.15 1.67 12.66
CA LEU A 281 -6.52 1.22 14.01
C LEU A 281 -7.88 0.53 14.00
N VAL A 282 -8.85 1.11 13.30
CA VAL A 282 -10.18 0.52 13.27
C VAL A 282 -10.15 -0.85 12.60
N GLU A 283 -9.44 -0.95 11.47
CA GLU A 283 -9.43 -2.22 10.75
C GLU A 283 -8.73 -3.32 11.54
N LEU A 284 -7.67 -2.98 12.27
CA LEU A 284 -6.86 -4.01 12.89
C LEU A 284 -7.36 -4.40 14.28
N PHE A 285 -7.86 -3.46 15.07
CA PHE A 285 -8.13 -3.71 16.49
C PHE A 285 -9.61 -3.61 16.86
N THR A 286 -10.49 -3.70 15.88
CA THR A 286 -11.93 -3.52 16.05
C THR A 286 -12.64 -4.49 15.11
N ASP A 287 -13.82 -4.97 15.51
CA ASP A 287 -14.62 -5.77 14.60
C ASP A 287 -15.56 -4.92 13.76
N ALA A 288 -16.00 -3.77 14.26
CA ALA A 288 -16.94 -2.90 13.57
C ALA A 288 -16.26 -2.01 12.54
N GLY A 289 -15.24 -2.49 11.87
CA GLY A 289 -14.61 -1.70 10.83
C GLY A 289 -15.38 -1.83 9.53
N THR A 290 -15.23 -0.81 8.70
CA THR A 290 -15.64 -0.88 7.30
C THR A 290 -14.61 -1.70 6.53
N GLY A 291 -14.73 -1.72 5.22
CA GLY A 291 -13.75 -2.39 4.39
C GLY A 291 -14.01 -3.88 4.29
N THR A 292 -13.31 -4.52 3.36
CA THR A 292 -13.57 -5.91 3.03
C THR A 292 -12.29 -6.73 3.13
N LYS A 293 -12.41 -7.90 3.76
CA LYS A 293 -11.30 -8.81 4.00
C LYS A 293 -11.29 -9.91 2.94
N VAL A 294 -10.11 -10.16 2.37
CA VAL A 294 -9.92 -11.19 1.36
C VAL A 294 -9.16 -12.36 1.98
N VAL A 295 -9.74 -13.57 1.89
CA VAL A 295 -9.09 -14.81 2.33
C VAL A 295 -9.04 -15.77 1.14
N ARG A 296 -8.22 -16.82 1.28
CA ARG A 296 -8.09 -17.80 0.21
C ARG A 296 -9.28 -18.74 0.20
N GLY A 297 -9.71 -19.15 -0.99
CA GLY A 297 -10.83 -20.04 -1.14
C GLY A 297 -11.18 -20.32 -2.59
S SO4 B . -0.70 16.50 -19.40
O1 SO4 B . -0.34 15.73 -20.58
O2 SO4 B . -2.15 16.75 -19.39
O3 SO4 B . -0.30 15.74 -18.21
O4 SO4 B . -0.01 17.79 -19.41
S SO4 C . -9.86 -10.07 11.19
O1 SO4 C . -10.08 -10.96 10.06
O2 SO4 C . -10.42 -10.68 12.40
O3 SO4 C . -10.53 -8.79 10.94
O4 SO4 C . -8.43 -9.87 11.37
N1 PIY D . 18.94 1.83 8.11
C2 PIY D . 18.79 1.92 6.80
N3 PIY D . 18.60 3.19 6.48
C4 PIY D . 18.85 3.04 8.64
C5 PIY D . 18.64 3.91 7.58
C6 PIY D . 18.81 0.86 5.92
C7 PIY D . 18.19 0.98 4.69
C8 PIY D . 18.21 -0.08 3.79
C9 PIY D . 18.86 -1.27 4.14
C10 PIY D . 19.49 -1.39 5.37
C11 PIY D . 19.46 -0.32 6.26
#